data_8P1V
#
_entry.id   8P1V
#
_cell.length_a   67.935
_cell.length_b   93.812
_cell.length_c   116.773
_cell.angle_alpha   90.000
_cell.angle_beta   90.000
_cell.angle_gamma   90.000
#
_symmetry.space_group_name_H-M   'I 2 2 2'
#
loop_
_entity.id
_entity.type
_entity.pdbx_description
1 polymer 'S-adenosylmethionine synthase isoform type-2'
2 non-polymer S-ADENOSYLMETHIONINE
3 non-polymer 6-cyclopropyl-~{N}-(2-methylindazol-5-yl)-1-propan-2-yl-pyrazolo[3,4-b]pyridine-4-carboxamide
4 non-polymer 'CHLORIDE ION'
5 non-polymer 1,2-ETHANEDIOL
6 water water
#
_entity_poly.entity_id   1
_entity_poly.type   'polypeptide(L)'
_entity_poly.pdbx_seq_one_letter_code
;MAHHHHHHSSGENLYFQGNGQLNGFHEAFIEEGTFLFTSESVGEGHPDKICDQISDAVLDAHLQQDPDAKVACETVAKTG
MILLAGEITSRAAVDYQKVVREAVKHIGYDDSSKGFDYKTCNVLVALEQQSPDIAQGVHLDRNEEDIGAGDQGLMFGYAT
DETEECMPLTIVLAHKLNAKLAELRRNGTLPWLRPDSKTQVTVQYMQDRGAVLPIRVHTIVISVQHDEEVCLDEMRDALK
EKVIKAVVPAKYLDEDTIYHLQPSGRFVIGGPQGDAGLTGRKIIVDTYGGWGAHGGGAFSGKDYTKVDRSAAYAARWVAK
SLVKGGLCRRVLVQVSYAIGVSHPLSISIFHYGTSQKSERELLEIVKKNFDLRPGVIVRDLDLKKPIYQRTAAYGHFGRD
SFPWEVPKKLKY
;
_entity_poly.pdbx_strand_id   AAA
#
# COMPACT_ATOMS: atom_id res chain seq x y z
N GLU A 31 29.10 8.21 -13.84
CA GLU A 31 29.96 7.21 -13.14
C GLU A 31 29.46 5.79 -13.46
N GLU A 32 30.38 4.85 -13.69
CA GLU A 32 30.07 3.40 -13.82
C GLU A 32 29.64 2.88 -12.45
N GLY A 33 28.82 1.83 -12.42
CA GLY A 33 28.25 1.25 -11.19
C GLY A 33 27.08 2.07 -10.65
N THR A 34 26.56 3.05 -11.41
CA THR A 34 25.34 3.82 -11.04
C THR A 34 24.20 3.51 -12.01
N PHE A 35 22.96 3.65 -11.53
CA PHE A 35 21.73 3.40 -12.31
C PHE A 35 20.60 4.25 -11.74
N LEU A 36 19.60 4.48 -12.59
CA LEU A 36 18.36 5.19 -12.20
C LEU A 36 17.30 4.17 -11.80
N PHE A 37 16.47 4.53 -10.84
CA PHE A 37 15.26 3.75 -10.50
C PHE A 37 14.14 4.75 -10.19
N THR A 38 12.97 4.52 -10.77
CA THR A 38 11.78 5.39 -10.61
C THR A 38 10.68 4.65 -9.85
N SER A 39 10.08 5.32 -8.86
CA SER A 39 8.85 4.88 -8.15
C SER A 39 7.83 6.01 -8.19
N GLU A 40 6.55 5.66 -8.13
CA GLU A 40 5.45 6.66 -8.02
C GLU A 40 4.65 6.43 -6.74
N SER A 41 3.92 7.45 -6.35
CA SER A 41 2.87 7.35 -5.31
C SER A 41 1.68 8.20 -5.74
N VAL A 42 0.54 8.00 -5.07
CA VAL A 42 -0.68 8.81 -5.35
C VAL A 42 -1.24 9.32 -4.02
N GLY A 43 -2.02 10.38 -4.12
CA GLY A 43 -2.69 11.00 -2.97
C GLY A 43 -3.96 10.27 -2.57
N GLU A 44 -4.54 10.67 -1.46
CA GLU A 44 -5.77 10.04 -0.90
C GLU A 44 -6.95 10.22 -1.87
N GLY A 45 -6.96 11.29 -2.68
CA GLY A 45 -8.05 11.60 -3.60
C GLY A 45 -7.86 11.01 -4.99
N HIS A 46 -6.73 10.34 -5.26
CA HIS A 46 -6.55 9.58 -6.51
C HIS A 46 -7.68 8.55 -6.59
N PRO A 47 -8.43 8.45 -7.70
CA PRO A 47 -9.65 7.63 -7.72
C PRO A 47 -9.46 6.15 -7.35
N ASP A 48 -8.35 5.53 -7.76
CA ASP A 48 -8.01 4.14 -7.35
C ASP A 48 -7.80 4.09 -5.84
N LYS A 49 -7.13 5.09 -5.29
CA LYS A 49 -6.83 5.12 -3.84
C LYS A 49 -8.10 5.41 -3.04
N ILE A 50 -9.03 6.21 -3.56
CA ILE A 50 -10.38 6.40 -2.95
C ILE A 50 -11.00 5.02 -2.75
N CYS A 51 -10.98 4.19 -3.80
CA CYS A 51 -11.59 2.84 -3.77
C CYS A 51 -10.91 1.98 -2.70
N ASP A 52 -9.58 1.98 -2.61
CA ASP A 52 -8.83 1.21 -1.58
C ASP A 52 -9.28 1.64 -0.19
N GLN A 53 -9.37 2.94 0.07
CA GLN A 53 -9.72 3.48 1.40
C GLN A 53 -11.16 3.10 1.74
N ILE A 54 -12.08 3.19 0.78
CA ILE A 54 -13.50 2.82 1.00
C ILE A 54 -13.60 1.32 1.31
N SER A 55 -12.93 0.48 0.53
CA SER A 55 -12.88 -0.99 0.70
C SER A 55 -12.43 -1.31 2.13
N ASP A 56 -11.41 -0.60 2.62
CA ASP A 56 -10.82 -0.86 3.97
C ASP A 56 -11.69 -0.22 5.04
N ALA A 57 -12.38 0.90 4.75
CA ALA A 57 -13.38 1.49 5.66
C ALA A 57 -14.49 0.46 5.89
N VAL A 58 -14.92 -0.21 4.82
CA VAL A 58 -15.99 -1.25 4.91
C VAL A 58 -15.45 -2.44 5.71
N LEU A 59 -14.24 -2.90 5.41
CA LEU A 59 -13.59 -4.01 6.18
C LEU A 59 -13.56 -3.65 7.68
N ASP A 60 -13.08 -2.46 8.02
CA ASP A 60 -12.95 -2.01 9.43
C ASP A 60 -14.32 -1.98 10.10
N ALA A 61 -15.35 -1.46 9.43
CA ALA A 61 -16.73 -1.39 9.98
C ALA A 61 -17.20 -2.80 10.36
N HIS A 62 -16.93 -3.80 9.52
CA HIS A 62 -17.29 -5.22 9.79
C HIS A 62 -16.47 -5.73 10.97
N LEU A 63 -15.15 -5.56 10.96
CA LEU A 63 -14.26 -6.11 12.03
C LEU A 63 -14.56 -5.48 13.39
N GLN A 64 -15.02 -4.22 13.42
CA GLN A 64 -15.40 -3.52 14.68
C GLN A 64 -16.50 -4.32 15.41
N GLN A 65 -17.41 -4.99 14.70
CA GLN A 65 -18.55 -5.75 15.31
C GLN A 65 -18.31 -7.26 15.24
N ASP A 66 -17.67 -7.76 14.18
CA ASP A 66 -17.45 -9.21 13.95
C ASP A 66 -15.99 -9.39 13.57
N PRO A 67 -15.08 -9.71 14.52
CA PRO A 67 -13.68 -9.95 14.20
C PRO A 67 -13.44 -11.07 13.18
N ASP A 68 -14.42 -11.96 12.96
CA ASP A 68 -14.31 -13.11 12.02
C ASP A 68 -15.06 -12.84 10.72
N ALA A 69 -15.46 -11.60 10.45
CA ALA A 69 -16.13 -11.21 9.19
C ALA A 69 -15.28 -11.69 8.01
N LYS A 70 -15.93 -12.31 7.03
CA LYS A 70 -15.33 -12.68 5.74
C LYS A 70 -15.67 -11.56 4.78
N VAL A 71 -14.66 -10.81 4.33
CA VAL A 71 -14.87 -9.56 3.57
C VAL A 71 -14.03 -9.62 2.30
N ALA A 72 -14.70 -9.42 1.16
CA ALA A 72 -14.10 -9.31 -0.18
C ALA A 72 -14.79 -8.14 -0.88
N CYS A 73 -14.51 -6.92 -0.44
CA CYS A 73 -15.26 -5.71 -0.85
C CYS A 73 -14.46 -4.93 -1.88
N GLU A 74 -14.90 -5.00 -3.13
CA GLU A 74 -14.34 -4.16 -4.22
C GLU A 74 -15.10 -2.84 -4.26
N THR A 75 -14.40 -1.76 -4.55
CA THR A 75 -15.00 -0.42 -4.77
C THR A 75 -14.68 0.03 -6.18
N VAL A 76 -15.67 0.67 -6.81
CA VAL A 76 -15.57 1.30 -8.15
C VAL A 76 -16.03 2.75 -7.98
N ALA A 77 -15.26 3.68 -8.54
CA ALA A 77 -15.52 5.13 -8.42
C ALA A 77 -15.53 5.74 -9.81
N LYS A 78 -16.61 6.40 -10.18
CA LYS A 78 -16.67 7.26 -11.38
C LYS A 78 -17.52 8.48 -11.03
N THR A 79 -17.62 9.46 -11.91
CA THR A 79 -18.41 10.69 -11.68
C THR A 79 -19.68 10.38 -10.88
N GLY A 80 -19.76 10.95 -9.69
CA GLY A 80 -20.98 10.90 -8.86
C GLY A 80 -21.30 9.53 -8.28
N MET A 81 -20.43 8.52 -8.41
CA MET A 81 -20.75 7.10 -8.06
C MET A 81 -19.64 6.45 -7.25
N ILE A 82 -20.00 5.89 -6.10
CA ILE A 82 -19.27 4.77 -5.44
C ILE A 82 -20.14 3.53 -5.58
N LEU A 83 -19.61 2.47 -6.22
CA LEU A 83 -20.23 1.12 -6.26
C LEU A 83 -19.41 0.18 -5.38
N LEU A 84 -20.05 -0.51 -4.43
CA LEU A 84 -19.45 -1.65 -3.71
C LEU A 84 -19.87 -2.95 -4.40
N ALA A 85 -18.92 -3.81 -4.74
CA ALA A 85 -19.18 -5.11 -5.39
C ALA A 85 -18.34 -6.18 -4.70
N GLY A 86 -18.96 -7.29 -4.33
CA GLY A 86 -18.21 -8.41 -3.77
C GLY A 86 -19.01 -9.20 -2.80
N GLU A 87 -18.31 -9.80 -1.84
CA GLU A 87 -18.85 -10.87 -0.99
C GLU A 87 -18.46 -10.61 0.46
N ILE A 88 -19.48 -10.51 1.32
CA ILE A 88 -19.27 -10.31 2.79
C ILE A 88 -20.22 -11.25 3.52
N THR A 89 -19.67 -12.06 4.43
CA THR A 89 -20.43 -12.88 5.39
C THR A 89 -19.98 -12.43 6.77
N SER A 90 -20.89 -11.83 7.51
CA SER A 90 -20.59 -11.07 8.75
C SER A 90 -21.84 -10.98 9.62
N ARG A 91 -21.63 -11.03 10.94
CA ARG A 91 -22.71 -10.78 11.95
C ARG A 91 -22.89 -9.27 12.15
N ALA A 92 -22.03 -8.44 11.56
CA ALA A 92 -22.05 -6.97 11.73
C ALA A 92 -23.29 -6.38 11.06
N ALA A 93 -23.83 -5.32 11.65
CA ALA A 93 -24.84 -4.42 11.04
C ALA A 93 -24.13 -3.14 10.58
N VAL A 94 -23.84 -3.03 9.30
CA VAL A 94 -23.01 -1.94 8.72
C VAL A 94 -23.90 -1.03 7.86
N ASP A 95 -23.90 0.26 8.18
CA ASP A 95 -24.53 1.33 7.36
C ASP A 95 -23.54 1.71 6.26
N TYR A 96 -23.67 1.07 5.09
CA TYR A 96 -22.75 1.27 3.93
C TYR A 96 -22.80 2.75 3.50
N GLN A 97 -23.97 3.38 3.51
CA GLN A 97 -24.13 4.83 3.14
C GLN A 97 -23.23 5.69 4.04
N LYS A 98 -23.28 5.47 5.36
CA LYS A 98 -22.49 6.22 6.37
C LYS A 98 -21.00 5.92 6.19
N VAL A 99 -20.61 4.64 6.09
CA VAL A 99 -19.18 4.25 6.03
C VAL A 99 -18.54 4.85 4.77
N VAL A 100 -19.21 4.72 3.63
CA VAL A 100 -18.67 5.20 2.32
C VAL A 100 -18.55 6.72 2.39
N ARG A 101 -19.62 7.42 2.79
CA ARG A 101 -19.66 8.90 2.74
C ARG A 101 -18.64 9.47 3.73
N GLU A 102 -18.48 8.86 4.91
CA GLU A 102 -17.51 9.34 5.92
C GLU A 102 -16.08 9.19 5.36
N ALA A 103 -15.81 8.13 4.61
CA ALA A 103 -14.46 7.90 4.02
C ALA A 103 -14.19 8.99 2.98
N VAL A 104 -15.18 9.28 2.14
CA VAL A 104 -15.05 10.32 1.07
C VAL A 104 -14.88 11.70 1.72
N LYS A 105 -15.61 11.96 2.80
CA LYS A 105 -15.49 13.23 3.58
C LYS A 105 -14.04 13.39 4.07
N HIS A 106 -13.49 12.36 4.71
CA HIS A 106 -12.12 12.39 5.25
C HIS A 106 -11.10 12.71 4.15
N ILE A 107 -11.26 12.11 2.97
CA ILE A 107 -10.37 12.33 1.78
C ILE A 107 -10.44 13.80 1.36
N GLY A 108 -11.62 14.43 1.47
CA GLY A 108 -11.79 15.89 1.24
C GLY A 108 -12.68 16.22 0.05
N TYR A 109 -13.38 15.24 -0.52
CA TYR A 109 -14.38 15.48 -1.59
C TYR A 109 -15.72 15.84 -0.95
N ASP A 110 -15.95 17.14 -0.76
CA ASP A 110 -17.09 17.70 0.02
C ASP A 110 -17.85 18.78 -0.76
N ASP A 111 -17.72 18.84 -2.08
CA ASP A 111 -18.41 19.91 -2.86
C ASP A 111 -18.35 19.64 -4.36
N SER A 112 -19.42 19.98 -5.07
CA SER A 112 -19.50 19.84 -6.55
C SER A 112 -18.35 20.60 -7.22
N SER A 113 -17.89 21.71 -6.65
CA SER A 113 -16.77 22.54 -7.18
C SER A 113 -15.48 21.71 -7.31
N LYS A 114 -15.32 20.70 -6.46
CA LYS A 114 -14.12 19.82 -6.43
C LYS A 114 -14.33 18.58 -7.31
N GLY A 115 -15.52 18.40 -7.88
CA GLY A 115 -15.82 17.31 -8.82
C GLY A 115 -16.45 16.10 -8.13
N PHE A 116 -16.57 16.10 -6.81
CA PHE A 116 -17.12 14.96 -6.04
C PHE A 116 -17.50 15.42 -4.64
N ASP A 117 -18.62 14.90 -4.13
CA ASP A 117 -19.19 15.35 -2.84
C ASP A 117 -19.78 14.15 -2.11
N TYR A 118 -19.22 13.84 -0.95
CA TYR A 118 -19.70 12.73 -0.08
C TYR A 118 -21.19 12.93 0.26
N LYS A 119 -21.66 14.17 0.34
CA LYS A 119 -23.05 14.46 0.79
C LYS A 119 -24.06 14.01 -0.26
N THR A 120 -23.73 14.11 -1.55
CA THR A 120 -24.71 14.07 -2.66
C THR A 120 -24.34 13.02 -3.72
N CYS A 121 -23.27 12.26 -3.54
CA CYS A 121 -22.89 11.22 -4.53
C CYS A 121 -23.83 10.01 -4.37
N ASN A 122 -23.90 9.21 -5.42
CA ASN A 122 -24.62 7.91 -5.47
C ASN A 122 -23.73 6.86 -4.80
N VAL A 123 -24.30 6.12 -3.85
CA VAL A 123 -23.67 4.90 -3.27
C VAL A 123 -24.56 3.71 -3.64
N LEU A 124 -24.06 2.86 -4.55
CA LEU A 124 -24.70 1.62 -5.05
C LEU A 124 -24.03 0.43 -4.37
N VAL A 125 -24.82 -0.56 -3.96
CA VAL A 125 -24.31 -1.78 -3.28
C VAL A 125 -24.73 -3.03 -4.06
N ALA A 126 -23.74 -3.80 -4.50
CA ALA A 126 -23.90 -5.14 -5.12
C ALA A 126 -23.09 -6.14 -4.29
N LEU A 127 -23.51 -6.34 -3.05
CA LEU A 127 -22.80 -7.23 -2.10
C LEU A 127 -23.69 -8.45 -1.85
N GLU A 128 -23.07 -9.62 -1.82
N GLU A 128 -23.06 -9.64 -1.86
CA GLU A 128 -23.74 -10.92 -1.50
CA GLU A 128 -23.70 -10.95 -1.57
C GLU A 128 -22.91 -11.63 -0.44
C GLU A 128 -22.92 -11.60 -0.43
N GLN A 129 -23.42 -12.73 0.10
CA GLN A 129 -22.64 -13.56 1.03
C GLN A 129 -21.47 -14.20 0.28
N GLN A 130 -20.42 -14.54 1.01
CA GLN A 130 -19.31 -15.37 0.48
C GLN A 130 -19.89 -16.66 -0.11
N SER A 131 -19.37 -17.06 -1.28
CA SER A 131 -19.69 -18.36 -1.92
C SER A 131 -19.58 -19.47 -0.87
N PRO A 132 -20.66 -20.23 -0.60
CA PRO A 132 -20.59 -21.37 0.31
C PRO A 132 -19.56 -22.42 -0.13
N ASP A 133 -19.29 -22.54 -1.44
CA ASP A 133 -18.23 -23.43 -1.98
C ASP A 133 -16.85 -22.96 -1.49
N ILE A 134 -16.59 -21.65 -1.47
CA ILE A 134 -15.31 -21.11 -0.91
C ILE A 134 -15.32 -21.37 0.60
N ALA A 135 -16.40 -20.97 1.29
CA ALA A 135 -16.50 -21.07 2.75
C ALA A 135 -16.19 -22.51 3.20
N GLN A 136 -16.78 -23.52 2.55
CA GLN A 136 -16.63 -24.93 2.97
C GLN A 136 -15.19 -25.41 2.72
N GLY A 137 -14.54 -24.87 1.68
CA GLY A 137 -13.18 -25.27 1.28
C GLY A 137 -12.10 -24.62 2.10
N VAL A 138 -12.38 -23.45 2.70
CA VAL A 138 -11.37 -22.56 3.33
C VAL A 138 -11.47 -22.64 4.87
N HIS A 139 -12.65 -22.40 5.46
CA HIS A 139 -12.71 -22.10 6.91
C HIS A 139 -13.83 -22.83 7.67
N LEU A 140 -14.91 -23.30 7.04
CA LEU A 140 -16.03 -23.93 7.79
CA LEU A 140 -16.04 -23.98 7.75
C LEU A 140 -15.50 -25.21 8.48
N ASP A 141 -15.78 -25.33 9.78
CA ASP A 141 -15.43 -26.48 10.64
C ASP A 141 -13.91 -26.68 10.67
N ARG A 142 -13.13 -25.61 10.58
CA ARG A 142 -11.66 -25.68 10.65
C ARG A 142 -11.19 -24.95 11.90
N ASN A 143 -10.25 -25.57 12.60
CA ASN A 143 -9.45 -24.96 13.69
C ASN A 143 -8.80 -23.70 13.12
N GLU A 144 -8.83 -22.58 13.84
CA GLU A 144 -8.37 -21.29 13.29
C GLU A 144 -6.93 -21.42 12.79
N GLU A 145 -6.02 -22.00 13.58
CA GLU A 145 -4.59 -22.20 13.17
C GLU A 145 -4.48 -22.97 11.84
N ASP A 146 -5.45 -23.87 11.57
CA ASP A 146 -5.43 -24.79 10.39
C ASP A 146 -6.41 -24.36 9.30
N ILE A 147 -6.86 -23.10 9.33
N ILE A 147 -6.86 -23.10 9.32
CA ILE A 147 -7.72 -22.52 8.26
CA ILE A 147 -7.73 -22.51 8.27
C ILE A 147 -6.94 -22.61 6.94
C ILE A 147 -6.96 -22.56 6.94
N GLY A 148 -7.64 -22.91 5.85
CA GLY A 148 -7.04 -22.91 4.51
C GLY A 148 -6.75 -21.50 4.05
N ALA A 149 -5.72 -21.32 3.24
CA ALA A 149 -5.56 -20.06 2.46
C ALA A 149 -6.89 -19.78 1.74
N GLY A 150 -7.33 -18.52 1.70
CA GLY A 150 -8.61 -18.10 1.09
C GLY A 150 -8.57 -18.17 -0.42
N ASP A 151 -7.38 -18.34 -0.96
CA ASP A 151 -7.16 -18.45 -2.42
C ASP A 151 -5.79 -19.06 -2.63
N GLN A 152 -5.52 -19.51 -3.85
CA GLN A 152 -4.13 -19.72 -4.33
C GLN A 152 -3.48 -18.35 -4.49
N GLY A 153 -2.18 -18.34 -4.74
CA GLY A 153 -1.45 -17.12 -5.13
C GLY A 153 -0.02 -17.12 -4.64
N LEU A 154 0.73 -16.13 -5.11
CA LEU A 154 2.14 -15.90 -4.72
C LEU A 154 2.22 -14.48 -4.15
N MET A 155 3.12 -14.29 -3.20
CA MET A 155 3.29 -13.02 -2.46
C MET A 155 4.77 -12.84 -2.18
N PHE A 156 5.21 -11.60 -2.19
CA PHE A 156 6.63 -11.26 -1.94
C PHE A 156 6.70 -10.27 -0.79
N GLY A 157 7.75 -10.41 0.01
CA GLY A 157 8.21 -9.42 0.97
C GLY A 157 9.60 -8.93 0.59
N TYR A 158 9.85 -7.64 0.79
CA TYR A 158 11.15 -7.00 0.48
C TYR A 158 11.56 -6.08 1.61
N ALA A 159 12.86 -6.00 1.85
CA ALA A 159 13.46 -5.01 2.77
C ALA A 159 14.83 -4.61 2.24
N THR A 160 15.18 -3.34 2.45
CA THR A 160 16.44 -2.72 1.97
C THR A 160 16.97 -1.80 3.07
N ASP A 161 18.27 -1.88 3.38
CA ASP A 161 18.90 -1.12 4.49
C ASP A 161 19.14 0.34 4.08
N GLU A 162 18.69 0.77 2.90
CA GLU A 162 19.01 2.12 2.36
C GLU A 162 18.29 3.23 3.15
N THR A 163 17.21 2.88 3.87
CA THR A 163 16.53 3.77 4.85
C THR A 163 16.36 3.03 6.19
N GLU A 164 16.19 3.78 7.29
CA GLU A 164 15.94 3.18 8.64
C GLU A 164 14.70 2.27 8.60
N GLU A 165 13.64 2.71 7.92
CA GLU A 165 12.34 1.96 7.85
C GLU A 165 12.43 0.78 6.86
N CYS A 166 13.60 0.56 6.26
CA CYS A 166 13.92 -0.62 5.40
C CYS A 166 13.08 -0.60 4.12
N MET A 167 12.88 0.58 3.54
CA MET A 167 12.10 0.82 2.31
C MET A 167 12.96 1.53 1.28
N PRO A 168 12.67 1.35 -0.03
CA PRO A 168 13.36 2.12 -1.06
C PRO A 168 13.14 3.63 -0.90
N LEU A 169 14.19 4.43 -1.05
CA LEU A 169 14.10 5.90 -0.91
C LEU A 169 13.11 6.47 -1.95
N THR A 170 13.11 5.92 -3.17
CA THR A 170 12.24 6.40 -4.27
C THR A 170 10.78 6.41 -3.80
N ILE A 171 10.29 5.30 -3.26
CA ILE A 171 8.85 5.19 -2.89
C ILE A 171 8.59 6.03 -1.64
N VAL A 172 9.51 6.02 -0.66
CA VAL A 172 9.37 6.84 0.57
C VAL A 172 9.18 8.31 0.17
N LEU A 173 10.04 8.85 -0.68
CA LEU A 173 9.95 10.28 -1.09
C LEU A 173 8.65 10.51 -1.84
N ALA A 174 8.27 9.60 -2.74
CA ALA A 174 7.06 9.77 -3.56
C ALA A 174 5.84 9.86 -2.64
N HIS A 175 5.74 8.97 -1.65
CA HIS A 175 4.66 8.96 -0.61
C HIS A 175 4.64 10.30 0.13
N LYS A 176 5.79 10.73 0.63
CA LYS A 176 5.91 11.96 1.46
C LYS A 176 5.50 13.20 0.66
N LEU A 177 5.77 13.23 -0.64
CA LEU A 177 5.32 14.37 -1.47
C LEU A 177 3.78 14.41 -1.49
N ASN A 178 3.09 13.27 -1.61
CA ASN A 178 1.60 13.24 -1.58
C ASN A 178 1.11 13.62 -0.17
N ALA A 179 1.77 13.14 0.89
CA ALA A 179 1.39 13.48 2.28
C ALA A 179 1.52 15.00 2.50
N LYS A 180 2.57 15.61 1.95
CA LYS A 180 2.83 17.06 2.09
C LYS A 180 1.71 17.84 1.38
N LEU A 181 1.30 17.42 0.18
CA LEU A 181 0.17 18.06 -0.54
C LEU A 181 -1.10 18.02 0.33
N ALA A 182 -1.42 16.85 0.91
CA ALA A 182 -2.62 16.70 1.76
C ALA A 182 -2.51 17.60 3.00
N GLU A 183 -1.32 17.69 3.58
CA GLU A 183 -1.06 18.55 4.76
C GLU A 183 -1.34 20.03 4.42
N LEU A 184 -0.86 20.52 3.29
CA LEU A 184 -0.94 21.97 2.92
C LEU A 184 -2.36 22.30 2.41
N ARG A 185 -3.06 21.32 1.86
CA ARG A 185 -4.51 21.43 1.54
C ARG A 185 -5.29 21.55 2.85
N ARG A 186 -5.04 20.66 3.80
CA ARG A 186 -5.87 20.56 5.03
C ARG A 186 -5.58 21.73 5.99
N ASN A 187 -4.37 22.29 5.99
CA ASN A 187 -4.03 23.42 6.90
C ASN A 187 -4.35 24.77 6.22
N GLY A 188 -4.77 24.78 4.95
CA GLY A 188 -5.21 25.98 4.24
C GLY A 188 -4.09 26.85 3.69
N THR A 189 -2.84 26.40 3.69
N THR A 189 -2.84 26.37 3.73
CA THR A 189 -1.69 27.21 3.16
CA THR A 189 -1.63 27.06 3.18
C THR A 189 -1.70 27.21 1.62
C THR A 189 -1.78 27.21 1.66
N LEU A 190 -2.15 26.12 0.99
CA LEU A 190 -2.41 26.07 -0.47
C LEU A 190 -3.87 25.68 -0.68
N PRO A 191 -4.83 26.63 -0.50
CA PRO A 191 -6.26 26.29 -0.53
C PRO A 191 -6.78 25.93 -1.92
N TRP A 192 -5.99 26.22 -2.97
CA TRP A 192 -6.28 25.83 -4.37
C TRP A 192 -6.08 24.33 -4.61
N LEU A 193 -5.40 23.60 -3.72
CA LEU A 193 -5.20 22.13 -3.86
C LEU A 193 -6.53 21.39 -3.73
N ARG A 194 -6.66 20.31 -4.52
CA ARG A 194 -7.77 19.34 -4.45
C ARG A 194 -7.15 18.00 -4.06
N PRO A 195 -7.96 17.02 -3.62
CA PRO A 195 -7.41 15.77 -3.08
C PRO A 195 -6.67 14.80 -4.03
N ASP A 196 -6.93 14.89 -5.34
CA ASP A 196 -6.35 13.97 -6.36
C ASP A 196 -4.93 14.42 -6.69
N SER A 197 -3.94 13.57 -6.45
CA SER A 197 -2.52 13.87 -6.77
C SER A 197 -1.76 12.62 -7.15
N LYS A 198 -0.68 12.82 -7.88
CA LYS A 198 0.31 11.75 -8.19
C LYS A 198 1.70 12.36 -8.13
N THR A 199 2.66 11.58 -7.69
CA THR A 199 4.07 11.98 -7.59
C THR A 199 4.93 10.87 -8.16
N GLN A 200 6.13 11.21 -8.59
CA GLN A 200 7.08 10.22 -9.16
C GLN A 200 8.49 10.72 -8.89
N VAL A 201 9.32 9.84 -8.35
CA VAL A 201 10.71 10.18 -7.95
C VAL A 201 11.65 9.19 -8.63
N THR A 202 12.61 9.71 -9.38
CA THR A 202 13.75 8.97 -9.97
C THR A 202 15.00 9.29 -9.14
N VAL A 203 15.62 8.26 -8.55
CA VAL A 203 16.88 8.40 -7.79
C VAL A 203 18.00 7.76 -8.61
N GLN A 204 19.16 8.44 -8.66
CA GLN A 204 20.44 7.83 -9.11
C GLN A 204 21.05 7.08 -7.92
N TYR A 205 21.27 5.78 -8.08
CA TYR A 205 21.83 4.87 -7.05
C TYR A 205 23.24 4.45 -7.43
N MET A 206 24.06 4.15 -6.42
CA MET A 206 25.37 3.45 -6.53
C MET A 206 25.15 1.99 -6.16
N GLN A 207 25.60 1.08 -7.02
CA GLN A 207 25.70 -0.38 -6.71
C GLN A 207 26.76 -0.57 -5.62
N ASP A 208 26.42 -1.26 -4.53
CA ASP A 208 27.35 -1.48 -3.39
C ASP A 208 27.25 -2.94 -2.91
N ARG A 209 27.94 -3.84 -3.61
CA ARG A 209 28.06 -5.28 -3.25
C ARG A 209 26.65 -5.89 -3.10
N GLY A 210 25.74 -5.58 -4.04
CA GLY A 210 24.35 -6.09 -4.04
C GLY A 210 23.39 -5.23 -3.24
N ALA A 211 23.88 -4.34 -2.38
CA ALA A 211 23.06 -3.29 -1.72
C ALA A 211 23.05 -2.07 -2.62
N VAL A 212 22.20 -1.08 -2.29
CA VAL A 212 22.05 0.15 -3.10
C VAL A 212 22.24 1.37 -2.18
N LEU A 213 22.96 2.38 -2.67
CA LEU A 213 23.23 3.67 -1.97
C LEU A 213 22.65 4.80 -2.80
N PRO A 214 21.63 5.53 -2.31
CA PRO A 214 21.12 6.70 -3.03
C PRO A 214 22.21 7.78 -3.17
N ILE A 215 22.39 8.33 -4.37
CA ILE A 215 23.35 9.45 -4.63
C ILE A 215 22.56 10.76 -4.70
N ARG A 216 21.61 10.86 -5.62
CA ARG A 216 20.87 12.13 -5.89
C ARG A 216 19.48 11.84 -6.45
N VAL A 217 18.59 12.83 -6.34
CA VAL A 217 17.28 12.80 -7.05
C VAL A 217 17.50 13.35 -8.47
N HIS A 218 17.21 12.52 -9.45
CA HIS A 218 17.42 12.80 -10.90
C HIS A 218 16.22 13.58 -11.45
N THR A 219 15.00 13.13 -11.15
CA THR A 219 13.73 13.69 -11.69
C THR A 219 12.64 13.59 -10.63
N ILE A 220 11.81 14.64 -10.52
CA ILE A 220 10.55 14.63 -9.74
C ILE A 220 9.39 15.04 -10.66
N VAL A 221 8.29 14.27 -10.59
CA VAL A 221 6.98 14.64 -11.18
C VAL A 221 6.02 14.90 -10.03
N ILE A 222 5.27 16.00 -10.10
CA ILE A 222 4.05 16.23 -9.28
C ILE A 222 2.94 16.72 -10.20
N SER A 223 1.82 16.00 -10.19
CA SER A 223 0.53 16.42 -10.78
C SER A 223 -0.49 16.46 -9.67
N VAL A 224 -1.15 17.58 -9.47
CA VAL A 224 -2.20 17.67 -8.40
C VAL A 224 -3.38 18.47 -8.92
N GLN A 225 -4.58 17.98 -8.65
CA GLN A 225 -5.85 18.64 -8.99
C GLN A 225 -5.91 20.00 -8.27
N HIS A 226 -6.45 21.00 -8.94
CA HIS A 226 -6.44 22.40 -8.45
C HIS A 226 -7.72 23.13 -8.86
N ASP A 227 -7.95 24.30 -8.26
CA ASP A 227 -9.14 25.15 -8.53
C ASP A 227 -8.91 25.98 -9.78
N GLU A 228 -9.93 26.70 -10.21
CA GLU A 228 -9.96 27.49 -11.49
C GLU A 228 -9.26 28.85 -11.31
N GLU A 229 -8.94 29.27 -10.08
CA GLU A 229 -8.45 30.64 -9.76
C GLU A 229 -6.91 30.68 -9.90
N VAL A 230 -6.22 29.62 -9.48
CA VAL A 230 -4.74 29.63 -9.31
C VAL A 230 -4.08 29.46 -10.68
N CYS A 231 -3.01 30.21 -10.93
N CYS A 231 -3.02 30.25 -10.93
CA CYS A 231 -2.32 30.14 -12.24
CA CYS A 231 -2.23 30.26 -12.20
C CYS A 231 -1.19 29.11 -12.16
C CYS A 231 -1.20 29.11 -12.15
N LEU A 232 -0.79 28.61 -13.32
CA LEU A 232 0.24 27.54 -13.45
C LEU A 232 1.56 27.95 -12.77
N ASP A 233 1.99 29.21 -12.92
CA ASP A 233 3.29 29.68 -12.35
C ASP A 233 3.23 29.66 -10.82
N GLU A 234 2.12 30.11 -10.23
CA GLU A 234 1.95 30.08 -8.76
C GLU A 234 2.04 28.62 -8.28
N MET A 235 1.34 27.71 -8.95
CA MET A 235 1.32 26.27 -8.58
C MET A 235 2.75 25.70 -8.67
N ARG A 236 3.47 25.93 -9.77
CA ARG A 236 4.81 25.34 -9.97
C ARG A 236 5.79 25.88 -8.92
N ASP A 237 5.75 27.18 -8.65
CA ASP A 237 6.58 27.82 -7.60
C ASP A 237 6.27 27.16 -6.25
N ALA A 238 4.99 27.02 -5.91
CA ALA A 238 4.55 26.45 -4.61
C ALA A 238 4.98 24.98 -4.54
N LEU A 239 4.85 24.21 -5.62
CA LEU A 239 5.21 22.77 -5.58
C LEU A 239 6.72 22.61 -5.34
N LYS A 240 7.54 23.49 -5.91
CA LYS A 240 9.00 23.45 -5.70
C LYS A 240 9.31 23.90 -4.27
N GLU A 241 8.84 25.08 -3.87
CA GLU A 241 9.31 25.77 -2.63
C GLU A 241 8.62 25.20 -1.38
N LYS A 242 7.32 24.89 -1.44
CA LYS A 242 6.51 24.48 -0.24
C LYS A 242 6.36 22.95 -0.15
N VAL A 243 6.47 22.22 -1.26
CA VAL A 243 6.26 20.74 -1.26
C VAL A 243 7.63 20.05 -1.37
N ILE A 244 8.31 20.17 -2.50
CA ILE A 244 9.59 19.44 -2.73
C ILE A 244 10.64 19.82 -1.67
N LYS A 245 10.91 21.12 -1.45
CA LYS A 245 11.96 21.54 -0.49
C LYS A 245 11.54 21.14 0.93
N ALA A 246 10.25 21.01 1.21
CA ALA A 246 9.73 20.60 2.55
C ALA A 246 9.86 19.08 2.77
N VAL A 247 10.18 18.30 1.74
CA VAL A 247 10.17 16.81 1.79
C VAL A 247 11.55 16.21 1.46
N VAL A 248 12.15 16.63 0.35
CA VAL A 248 13.39 16.00 -0.20
C VAL A 248 14.59 16.74 0.36
N PRO A 249 15.50 16.07 1.13
CA PRO A 249 16.72 16.73 1.59
C PRO A 249 17.51 17.38 0.46
N ALA A 250 17.99 18.61 0.69
CA ALA A 250 18.74 19.46 -0.27
C ALA A 250 19.97 18.72 -0.81
N LYS A 251 20.58 17.82 -0.02
CA LYS A 251 21.79 17.04 -0.40
C LYS A 251 21.49 16.14 -1.61
N TYR A 252 20.22 15.78 -1.87
CA TYR A 252 19.81 14.95 -3.03
C TYR A 252 19.44 15.81 -4.25
N LEU A 253 19.29 17.13 -4.08
CA LEU A 253 18.84 18.03 -5.16
C LEU A 253 20.01 18.89 -5.66
N ASP A 254 20.08 19.11 -6.97
CA ASP A 254 21.19 19.91 -7.57
C ASP A 254 20.69 20.63 -8.81
N GLU A 255 21.58 21.34 -9.49
CA GLU A 255 21.25 22.18 -10.68
C GLU A 255 20.73 21.32 -11.83
N ASP A 256 21.09 20.03 -11.85
CA ASP A 256 20.73 19.07 -12.93
C ASP A 256 19.42 18.35 -12.62
N THR A 257 18.91 18.38 -11.38
CA THR A 257 17.62 17.72 -11.02
C THR A 257 16.54 18.27 -11.94
N ILE A 258 15.77 17.37 -12.56
CA ILE A 258 14.67 17.71 -13.51
C ILE A 258 13.35 17.78 -12.73
N TYR A 259 12.57 18.83 -12.95
CA TYR A 259 11.26 19.05 -12.30
C TYR A 259 10.17 19.09 -13.36
N HIS A 260 9.25 18.13 -13.32
CA HIS A 260 7.99 18.09 -14.11
C HIS A 260 6.83 18.38 -13.16
N LEU A 261 6.49 19.66 -12.99
CA LEU A 261 5.47 20.11 -12.01
C LEU A 261 4.25 20.60 -12.78
N GLN A 262 3.09 20.01 -12.52
CA GLN A 262 1.85 20.20 -13.33
C GLN A 262 2.19 20.09 -14.82
N PRO A 263 2.88 19.00 -15.26
CA PRO A 263 3.31 18.88 -16.65
C PRO A 263 2.17 18.81 -17.68
N SER A 264 0.95 18.46 -17.28
CA SER A 264 -0.23 18.46 -18.18
C SER A 264 -0.66 19.90 -18.49
N GLY A 265 -0.29 20.87 -17.64
CA GLY A 265 -0.65 22.29 -17.81
C GLY A 265 -1.99 22.65 -17.18
N ARG A 266 -2.88 21.68 -16.94
CA ARG A 266 -4.24 21.93 -16.38
C ARG A 266 -4.80 20.63 -15.84
N PHE A 267 -5.30 20.69 -14.62
CA PHE A 267 -5.77 19.54 -13.80
C PHE A 267 -6.88 20.08 -12.88
N VAL A 268 -7.94 20.62 -13.47
CA VAL A 268 -9.12 21.13 -12.71
C VAL A 268 -10.10 19.98 -12.49
N ILE A 269 -10.44 19.29 -13.57
CA ILE A 269 -11.21 18.03 -13.53
C ILE A 269 -10.30 16.97 -12.90
N GLY A 270 -10.79 16.30 -11.85
CA GLY A 270 -9.98 15.30 -11.12
C GLY A 270 -10.87 14.37 -10.34
N GLY A 271 -10.23 13.53 -9.52
CA GLY A 271 -10.92 12.45 -8.78
C GLY A 271 -11.65 11.54 -9.76
N PRO A 272 -12.72 10.83 -9.31
CA PRO A 272 -13.47 9.92 -10.17
C PRO A 272 -13.99 10.53 -11.48
N GLN A 273 -14.28 11.84 -11.47
CA GLN A 273 -14.76 12.54 -12.68
C GLN A 273 -13.69 12.49 -13.77
N GLY A 274 -12.41 12.66 -13.40
CA GLY A 274 -11.31 12.68 -14.39
C GLY A 274 -10.95 11.29 -14.86
N ASP A 275 -11.17 10.27 -14.03
CA ASP A 275 -10.59 8.92 -14.26
C ASP A 275 -11.31 7.91 -13.36
N ALA A 276 -11.86 6.84 -13.93
CA ALA A 276 -12.54 5.79 -13.14
C ALA A 276 -11.52 5.15 -12.20
N GLY A 277 -11.91 4.93 -10.94
CA GLY A 277 -11.08 4.25 -9.94
C GLY A 277 -11.63 2.86 -9.62
N LEU A 278 -10.73 1.94 -9.26
CA LEU A 278 -11.09 0.57 -8.82
C LEU A 278 -10.18 0.20 -7.66
N THR A 279 -10.68 -0.63 -6.74
CA THR A 279 -9.83 -1.24 -5.68
C THR A 279 -8.72 -2.08 -6.32
N GLY A 280 -7.52 -2.03 -5.75
CA GLY A 280 -6.42 -2.94 -6.10
C GLY A 280 -5.80 -2.60 -7.45
N ARG A 281 -5.80 -1.34 -7.84
CA ARG A 281 -5.14 -0.86 -9.08
C ARG A 281 -3.93 0.03 -8.73
N LYS A 282 -3.48 0.00 -7.48
CA LYS A 282 -2.25 0.70 -7.01
C LYS A 282 -1.39 -0.27 -6.22
N ILE A 283 -1.26 -1.53 -6.67
CA ILE A 283 -0.61 -2.59 -5.85
C ILE A 283 0.89 -2.32 -5.72
N ILE A 284 1.48 -1.59 -6.67
CA ILE A 284 2.94 -1.29 -6.65
C ILE A 284 3.18 -0.07 -5.75
N VAL A 285 2.32 0.95 -5.84
CA VAL A 285 2.28 2.09 -4.87
C VAL A 285 2.11 1.52 -3.45
N ASP A 286 1.29 0.50 -3.28
CA ASP A 286 0.95 -0.08 -1.95
C ASP A 286 2.15 -0.79 -1.33
N THR A 287 3.16 -1.17 -2.12
CA THR A 287 4.21 -2.12 -1.71
C THR A 287 5.59 -1.42 -1.77
N TYR A 288 6.37 -1.61 -2.83
CA TYR A 288 7.81 -1.24 -2.85
C TYR A 288 8.13 -0.30 -4.00
N GLY A 289 7.12 0.24 -4.69
CA GLY A 289 7.35 1.19 -5.80
C GLY A 289 8.14 0.58 -6.93
N GLY A 290 7.94 -0.72 -7.21
CA GLY A 290 8.55 -1.45 -8.32
C GLY A 290 9.78 -2.24 -7.89
N TRP A 291 10.40 -1.90 -6.75
CA TRP A 291 11.50 -2.68 -6.14
C TRP A 291 10.98 -4.02 -5.65
N GLY A 292 11.88 -4.94 -5.32
CA GLY A 292 11.51 -6.27 -4.81
C GLY A 292 10.75 -7.02 -5.87
N ALA A 293 9.51 -7.41 -5.60
CA ALA A 293 8.65 -8.17 -6.53
C ALA A 293 7.20 -8.12 -6.05
N HIS A 294 6.26 -8.52 -6.92
CA HIS A 294 4.81 -8.54 -6.60
C HIS A 294 4.16 -9.79 -7.19
N GLY A 295 3.29 -10.42 -6.41
CA GLY A 295 2.53 -11.62 -6.83
C GLY A 295 1.20 -11.31 -7.49
N GLY A 296 0.74 -10.06 -7.48
CA GLY A 296 -0.45 -9.59 -8.23
C GLY A 296 -1.66 -9.31 -7.36
N GLY A 297 -1.64 -9.76 -6.10
CA GLY A 297 -2.81 -9.65 -5.21
C GLY A 297 -2.99 -8.24 -4.65
N ALA A 298 -4.25 -7.78 -4.62
CA ALA A 298 -4.66 -6.50 -4.00
C ALA A 298 -4.82 -6.71 -2.50
N PHE A 299 -4.59 -5.68 -1.71
CA PHE A 299 -4.72 -5.78 -0.23
C PHE A 299 -6.11 -5.37 0.22
N SER A 300 -6.60 -4.22 -0.23
CA SER A 300 -7.74 -3.52 0.42
C SER A 300 -9.06 -4.27 0.21
N GLY A 301 -9.92 -4.23 1.21
CA GLY A 301 -11.26 -4.87 1.19
C GLY A 301 -11.26 -6.34 1.56
N LYS A 302 -10.12 -6.88 2.04
CA LYS A 302 -9.92 -8.32 2.30
C LYS A 302 -9.59 -8.57 3.77
N ASP A 303 -10.31 -9.52 4.40
CA ASP A 303 -9.96 -10.04 5.74
C ASP A 303 -8.72 -10.94 5.65
N TYR A 304 -8.18 -11.33 6.81
CA TYR A 304 -6.87 -12.04 6.94
C TYR A 304 -6.86 -13.39 6.21
N THR A 305 -8.01 -14.05 5.99
CA THR A 305 -8.06 -15.38 5.31
C THR A 305 -7.61 -15.21 3.84
N LYS A 306 -7.71 -14.01 3.28
CA LYS A 306 -7.17 -13.71 1.93
C LYS A 306 -5.66 -13.50 2.08
N VAL A 307 -4.88 -14.53 1.74
CA VAL A 307 -3.39 -14.53 1.81
C VAL A 307 -2.79 -13.44 0.92
N ASP A 308 -3.49 -12.95 -0.09
CA ASP A 308 -3.02 -11.75 -0.86
C ASP A 308 -2.57 -10.66 0.11
N ARG A 309 -3.30 -10.48 1.21
CA ARG A 309 -2.96 -9.46 2.22
C ARG A 309 -2.09 -10.07 3.32
N SER A 310 -2.61 -11.06 4.05
CA SER A 310 -1.97 -11.58 5.27
C SER A 310 -0.57 -12.11 4.95
N ALA A 311 -0.40 -12.85 3.85
CA ALA A 311 0.90 -13.47 3.53
C ALA A 311 1.88 -12.42 3.03
N ALA A 312 1.40 -11.38 2.34
CA ALA A 312 2.25 -10.25 1.91
C ALA A 312 2.73 -9.47 3.13
N TYR A 313 1.86 -9.23 4.13
CA TYR A 313 2.26 -8.56 5.40
C TYR A 313 3.30 -9.44 6.10
N ALA A 314 3.04 -10.74 6.20
CA ALA A 314 3.96 -11.70 6.85
C ALA A 314 5.31 -11.73 6.12
N ALA A 315 5.32 -11.71 4.78
CA ALA A 315 6.56 -11.75 3.98
C ALA A 315 7.38 -10.47 4.18
N ARG A 316 6.71 -9.31 4.26
CA ARG A 316 7.37 -8.01 4.63
C ARG A 316 8.02 -8.17 6.01
N TRP A 317 7.26 -8.69 6.97
CA TRP A 317 7.72 -8.94 8.35
C TRP A 317 8.98 -9.81 8.37
N VAL A 318 8.99 -10.90 7.60
CA VAL A 318 10.17 -11.81 7.50
C VAL A 318 11.35 -11.01 6.91
N ALA A 319 11.14 -10.32 5.79
CA ALA A 319 12.20 -9.57 5.08
C ALA A 319 12.82 -8.53 6.02
N LYS A 320 11.97 -7.76 6.70
CA LYS A 320 12.42 -6.70 7.63
C LYS A 320 13.15 -7.31 8.83
N SER A 321 12.71 -8.47 9.32
CA SER A 321 13.36 -9.20 10.43
C SER A 321 14.77 -9.64 10.02
N LEU A 322 14.95 -10.14 8.79
CA LEU A 322 16.26 -10.56 8.26
C LEU A 322 17.21 -9.35 8.18
N VAL A 323 16.73 -8.20 7.70
CA VAL A 323 17.59 -7.01 7.52
C VAL A 323 17.92 -6.39 8.89
N LYS A 324 16.90 -6.18 9.74
CA LYS A 324 17.10 -5.60 11.10
C LYS A 324 17.89 -6.57 12.00
N GLY A 325 17.79 -7.88 11.76
CA GLY A 325 18.58 -8.91 12.45
C GLY A 325 20.04 -8.94 12.02
N GLY A 326 20.41 -8.15 11.00
CA GLY A 326 21.79 -8.03 10.49
C GLY A 326 22.23 -9.23 9.67
N LEU A 327 21.30 -10.05 9.17
CA LEU A 327 21.62 -11.26 8.36
C LEU A 327 21.82 -10.89 6.88
N CYS A 328 21.29 -9.74 6.45
N CYS A 328 21.15 -9.81 6.43
CA CYS A 328 21.44 -9.25 5.06
CA CYS A 328 21.20 -9.26 5.04
C CYS A 328 21.11 -7.76 4.99
C CYS A 328 21.24 -7.72 5.09
N ARG A 329 21.67 -7.08 3.99
CA ARG A 329 21.40 -5.65 3.73
C ARG A 329 20.11 -5.49 2.91
N ARG A 330 19.83 -6.47 2.04
N ARG A 330 19.75 -6.52 2.15
CA ARG A 330 18.70 -6.45 1.09
CA ARG A 330 18.67 -6.45 1.14
C ARG A 330 18.18 -7.89 0.95
C ARG A 330 18.18 -7.87 0.86
N VAL A 331 16.86 -8.10 0.93
CA VAL A 331 16.30 -9.47 0.81
C VAL A 331 14.89 -9.45 0.23
N LEU A 332 14.62 -10.47 -0.57
CA LEU A 332 13.28 -10.75 -1.13
C LEU A 332 12.84 -12.14 -0.67
N VAL A 333 11.62 -12.22 -0.16
CA VAL A 333 10.96 -13.48 0.27
C VAL A 333 9.80 -13.74 -0.70
N GLN A 334 9.75 -14.91 -1.32
CA GLN A 334 8.51 -15.37 -2.01
C GLN A 334 7.86 -16.47 -1.17
N VAL A 335 6.54 -16.41 -1.08
CA VAL A 335 5.66 -17.50 -0.57
C VAL A 335 4.54 -17.73 -1.58
N SER A 336 3.93 -18.91 -1.54
CA SER A 336 2.74 -19.22 -2.36
C SER A 336 1.80 -20.16 -1.59
N TYR A 337 0.53 -20.19 -2.00
CA TYR A 337 -0.54 -20.95 -1.34
C TYR A 337 -1.43 -21.63 -2.39
N ALA A 338 -2.15 -22.66 -1.94
CA ALA A 338 -3.31 -23.26 -2.63
C ALA A 338 -4.56 -22.99 -1.79
N ILE A 339 -5.67 -22.65 -2.44
CA ILE A 339 -6.97 -22.48 -1.73
C ILE A 339 -7.25 -23.74 -0.91
N GLY A 340 -7.59 -23.57 0.38
CA GLY A 340 -8.00 -24.67 1.27
C GLY A 340 -6.82 -25.31 1.99
N VAL A 341 -5.59 -24.91 1.68
CA VAL A 341 -4.34 -25.48 2.26
C VAL A 341 -3.72 -24.41 3.15
N SER A 342 -3.41 -24.79 4.40
N SER A 342 -3.40 -24.78 4.39
CA SER A 342 -2.89 -23.90 5.46
CA SER A 342 -2.89 -23.83 5.44
C SER A 342 -1.45 -23.47 5.14
C SER A 342 -1.44 -23.46 5.14
N HIS A 343 -0.55 -24.44 4.99
CA HIS A 343 0.91 -24.22 4.87
C HIS A 343 1.24 -23.68 3.48
N PRO A 344 2.19 -22.73 3.35
CA PRO A 344 2.68 -22.33 2.03
C PRO A 344 3.20 -23.53 1.24
N LEU A 345 2.97 -23.50 -0.08
CA LEU A 345 3.44 -24.54 -1.03
C LEU A 345 4.94 -24.35 -1.27
N SER A 346 5.41 -23.11 -1.26
CA SER A 346 6.82 -22.76 -1.57
C SER A 346 7.24 -21.57 -0.70
N ILE A 347 8.50 -21.59 -0.29
CA ILE A 347 9.16 -20.40 0.34
C ILE A 347 10.52 -20.28 -0.33
N SER A 348 10.90 -19.05 -0.70
N SER A 348 10.90 -19.05 -0.70
CA SER A 348 12.15 -18.73 -1.44
CA SER A 348 12.14 -18.74 -1.47
C SER A 348 12.75 -17.43 -0.90
C SER A 348 12.76 -17.43 -0.95
N ILE A 349 14.08 -17.43 -0.74
CA ILE A 349 14.85 -16.27 -0.21
C ILE A 349 15.89 -15.90 -1.26
N PHE A 350 15.92 -14.61 -1.63
CA PHE A 350 16.90 -14.03 -2.56
C PHE A 350 17.55 -12.84 -1.86
N HIS A 351 18.85 -12.93 -1.53
CA HIS A 351 19.54 -11.92 -0.69
C HIS A 351 20.43 -10.97 -1.51
N TYR A 352 20.35 -11.00 -2.84
CA TYR A 352 21.04 -10.04 -3.76
C TYR A 352 22.57 -10.08 -3.54
N GLY A 353 23.11 -11.18 -2.99
CA GLY A 353 24.51 -11.31 -2.57
C GLY A 353 24.90 -10.49 -1.34
N THR A 354 23.94 -10.09 -0.47
CA THR A 354 24.18 -9.13 0.65
C THR A 354 24.20 -9.85 2.01
N SER A 355 24.34 -11.18 2.02
CA SER A 355 24.56 -12.00 3.23
C SER A 355 25.82 -12.84 3.08
N GLN A 356 26.50 -13.10 4.20
CA GLN A 356 27.59 -14.12 4.28
C GLN A 356 26.95 -15.50 4.29
N LYS A 357 25.71 -15.61 4.81
CA LYS A 357 24.95 -16.88 4.84
C LYS A 357 24.39 -17.14 3.45
N SER A 358 24.31 -18.41 3.06
CA SER A 358 23.67 -18.83 1.78
C SER A 358 22.16 -18.58 1.85
N GLU A 359 21.50 -18.52 0.71
CA GLU A 359 20.03 -18.38 0.64
C GLU A 359 19.37 -19.60 1.32
N ARG A 360 19.97 -20.79 1.20
CA ARG A 360 19.50 -22.03 1.88
C ARG A 360 19.53 -21.82 3.40
N GLU A 361 20.63 -21.29 3.94
CA GLU A 361 20.77 -21.04 5.40
CA GLU A 361 20.77 -21.04 5.40
C GLU A 361 19.70 -20.03 5.85
N LEU A 362 19.47 -18.96 5.08
CA LEU A 362 18.44 -17.96 5.44
C LEU A 362 17.05 -18.61 5.39
N LEU A 363 16.79 -19.47 4.39
CA LEU A 363 15.50 -20.19 4.28
C LEU A 363 15.29 -21.05 5.53
N GLU A 364 16.32 -21.74 6.00
CA GLU A 364 16.24 -22.59 7.22
C GLU A 364 15.97 -21.71 8.45
N ILE A 365 16.59 -20.54 8.53
CA ILE A 365 16.36 -19.59 9.65
C ILE A 365 14.88 -19.14 9.59
N VAL A 366 14.37 -18.84 8.40
CA VAL A 366 12.94 -18.40 8.27
C VAL A 366 12.02 -19.55 8.74
N LYS A 367 12.29 -20.78 8.30
CA LYS A 367 11.46 -21.97 8.64
C LYS A 367 11.48 -22.21 10.15
N LYS A 368 12.62 -21.98 10.81
CA LYS A 368 12.76 -22.18 12.29
C LYS A 368 12.00 -21.11 13.06
N ASN A 369 11.83 -19.89 12.50
CA ASN A 369 11.38 -18.68 13.26
C ASN A 369 9.95 -18.26 12.91
N PHE A 370 9.43 -18.66 11.75
CA PHE A 370 8.12 -18.19 11.25
C PHE A 370 7.22 -19.37 10.90
N ASP A 371 5.92 -19.17 11.15
CA ASP A 371 4.81 -20.06 10.77
C ASP A 371 3.89 -19.22 9.86
N LEU A 372 3.91 -19.48 8.56
CA LEU A 372 3.22 -18.62 7.57
C LEU A 372 1.87 -19.21 7.17
N ARG A 373 1.26 -20.02 8.03
CA ARG A 373 -0.18 -20.38 7.92
C ARG A 373 -1.00 -19.12 8.19
N PRO A 374 -2.08 -18.82 7.43
CA PRO A 374 -2.85 -17.61 7.68
C PRO A 374 -3.49 -17.57 9.08
N GLY A 375 -3.83 -18.76 9.59
CA GLY A 375 -4.39 -18.94 10.94
C GLY A 375 -3.39 -18.70 12.05
N VAL A 376 -2.08 -18.62 11.75
CA VAL A 376 -1.03 -18.22 12.74
C VAL A 376 -0.65 -16.75 12.51
N ILE A 377 -0.47 -16.34 11.26
CA ILE A 377 -0.16 -14.93 10.90
C ILE A 377 -1.20 -14.01 11.56
N VAL A 378 -2.47 -14.40 11.56
CA VAL A 378 -3.56 -13.55 12.13
C VAL A 378 -3.26 -13.26 13.62
N ARG A 379 -2.73 -14.26 14.35
CA ARG A 379 -2.36 -14.09 15.78
C ARG A 379 -1.13 -13.18 15.89
N ASP A 380 -0.07 -13.47 15.13
CA ASP A 380 1.23 -12.76 15.24
C ASP A 380 1.08 -11.29 14.84
N LEU A 381 0.25 -10.99 13.84
CA LEU A 381 0.13 -9.62 13.28
C LEU A 381 -1.20 -8.96 13.69
N ASP A 382 -2.03 -9.61 14.52
CA ASP A 382 -3.27 -9.04 15.10
C ASP A 382 -4.21 -8.60 13.96
N LEU A 383 -4.42 -9.45 12.97
CA LEU A 383 -5.06 -9.04 11.69
C LEU A 383 -6.61 -9.06 11.75
N LYS A 384 -7.22 -9.30 12.92
CA LYS A 384 -8.66 -9.02 13.13
C LYS A 384 -8.91 -7.58 13.59
N LYS A 385 -7.85 -6.82 13.92
CA LYS A 385 -7.99 -5.43 14.41
C LYS A 385 -8.39 -4.51 13.27
N PRO A 386 -9.42 -3.65 13.47
CA PRO A 386 -9.88 -2.75 12.41
C PRO A 386 -8.94 -1.55 12.23
N ILE A 387 -7.73 -1.79 11.70
CA ILE A 387 -6.68 -0.74 11.46
C ILE A 387 -6.41 -0.59 9.97
N TYR A 388 -7.24 -1.18 9.12
CA TYR A 388 -6.94 -1.36 7.68
C TYR A 388 -7.12 -0.07 6.88
N GLN A 389 -8.11 0.77 7.20
CA GLN A 389 -8.25 2.04 6.44
C GLN A 389 -6.95 2.87 6.55
N ARG A 390 -6.23 2.78 7.67
CA ARG A 390 -4.94 3.48 7.90
C ARG A 390 -3.87 3.04 6.88
N THR A 391 -3.95 1.79 6.39
CA THR A 391 -2.95 1.19 5.47
C THR A 391 -3.17 1.64 4.02
N ALA A 392 -4.37 2.13 3.67
CA ALA A 392 -4.89 2.16 2.28
C ALA A 392 -4.44 3.43 1.53
N ALA A 393 -3.67 4.30 2.18
CA ALA A 393 -2.92 5.40 1.51
C ALA A 393 -1.50 5.46 2.05
N TYR A 394 -0.56 5.96 1.22
CA TYR A 394 0.86 6.21 1.57
C TYR A 394 1.63 4.90 1.78
N GLY A 395 1.12 3.77 1.27
CA GLY A 395 1.81 2.48 1.29
C GLY A 395 1.51 1.70 2.55
N HIS A 396 1.53 0.38 2.45
CA HIS A 396 1.20 -0.53 3.57
C HIS A 396 2.44 -0.79 4.42
N PHE A 397 3.63 -0.50 3.90
CA PHE A 397 4.93 -0.83 4.53
C PHE A 397 5.76 0.43 4.80
N GLY A 398 6.60 0.33 5.84
CA GLY A 398 7.62 1.32 6.19
C GLY A 398 7.08 2.48 7.01
N ARG A 399 5.92 2.34 7.66
CA ARG A 399 5.44 3.45 8.52
C ARG A 399 4.57 2.94 9.69
N ASP A 400 4.48 3.79 10.72
CA ASP A 400 3.50 3.72 11.84
C ASP A 400 3.72 2.49 12.73
N SER A 401 4.83 1.75 12.56
CA SER A 401 5.16 0.55 13.40
C SER A 401 3.93 -0.37 13.50
N PHE A 402 3.25 -0.61 12.38
CA PHE A 402 2.25 -1.71 12.25
C PHE A 402 2.94 -3.01 12.66
N PRO A 403 2.23 -4.04 13.16
CA PRO A 403 2.89 -5.26 13.64
C PRO A 403 3.92 -5.89 12.67
N TRP A 404 3.65 -5.83 11.36
CA TRP A 404 4.54 -6.41 10.32
C TRP A 404 5.81 -5.56 10.16
N GLU A 405 5.87 -4.37 10.76
CA GLU A 405 7.04 -3.46 10.71
C GLU A 405 7.90 -3.60 11.98
N VAL A 406 7.45 -4.38 12.97
CA VAL A 406 8.22 -4.62 14.23
C VAL A 406 8.99 -5.92 14.03
N PRO A 407 10.33 -5.89 13.80
CA PRO A 407 11.06 -7.10 13.44
C PRO A 407 10.97 -8.17 14.54
N LYS A 408 10.96 -9.43 14.14
CA LYS A 408 11.00 -10.57 15.08
C LYS A 408 12.47 -10.85 15.43
N LYS A 409 12.76 -11.08 16.71
CA LYS A 409 14.11 -11.49 17.20
C LYS A 409 14.32 -12.93 16.73
N LEU A 410 15.35 -13.20 15.93
CA LEU A 410 15.55 -14.53 15.29
C LEU A 410 16.46 -15.41 16.15
N LYS A 411 16.09 -16.68 16.34
CA LYS A 411 16.91 -17.73 16.99
C LYS A 411 17.54 -18.57 15.89
N TYR A 412 18.87 -18.74 15.92
CA TYR A 412 19.66 -19.53 14.94
C TYR A 412 21.08 -19.72 15.47
#